data_2RAF
#
_entry.id   2RAF
#
_cell.length_a   53.330
_cell.length_b   152.570
_cell.length_c   140.070
_cell.angle_alpha   90.000
_cell.angle_beta   90.000
_cell.angle_gamma   90.000
#
_symmetry.space_group_name_H-M   'C 2 2 21'
#
loop_
_entity.id
_entity.type
_entity.pdbx_description
1 polymer 'Putative Dinucleotide-Binding Oxidoreductase'
2 non-polymer 'NADP NICOTINAMIDE-ADENINE-DINUCLEOTIDE PHOSPHATE'
3 non-polymer DI(HYDROXYETHYL)ETHER
4 water water
#
_entity_poly.entity_id   1
_entity_poly.type   'polypeptide(L)'
_entity_poly.pdbx_seq_one_letter_code
;(MSE)GSDKIHHHHHHENLYFQG(MSE)EITIFGKGN(MSE)GQAIGHNFEIAGHEVTYYGSKDQATTLGEIVI(MSE)A
VPYPALAALAKQYATQLKGKIVVDITNPLNFDTWDDLVVPADSSAAQELQQQLPDSQVLKAFNTTFAATLQSGQVNGKEP
TTVLVAGNDDSAKQRFTRALADSPLEVKDAGKLKRARELEA(MSE)GF(MSE)Q(MSE)TLAASEQIGWTGGFAVVK
;
_entity_poly.pdbx_strand_id   A,B,C
#
# COMPACT_ATOMS: atom_id res chain seq x y z
N GLU A 21 9.90 -9.00 -44.58
CA GLU A 21 9.55 -7.58 -44.64
C GLU A 21 8.68 -7.20 -43.44
N ILE A 22 9.14 -6.22 -42.65
CA ILE A 22 8.40 -5.69 -41.49
C ILE A 22 8.01 -4.25 -41.83
N THR A 23 6.73 -3.90 -41.74
CA THR A 23 6.23 -2.55 -41.99
C THR A 23 5.86 -1.94 -40.63
N ILE A 24 6.40 -0.76 -40.33
CA ILE A 24 6.09 -0.04 -39.11
C ILE A 24 5.43 1.32 -39.46
N PHE A 25 4.17 1.49 -38.98
CA PHE A 25 3.41 2.78 -39.07
C PHE A 25 3.69 3.47 -37.77
N GLY A 26 4.28 4.66 -37.87
CA GLY A 26 4.71 5.44 -36.70
C GLY A 26 6.21 5.42 -36.60
N LYS A 27 6.81 6.60 -36.82
CA LYS A 27 8.24 6.84 -36.77
C LYS A 27 8.69 7.46 -35.45
N GLY A 28 7.86 7.34 -34.42
CA GLY A 28 8.15 7.87 -33.09
C GLY A 28 8.97 6.91 -32.28
N ASN A 29 8.92 7.09 -30.96
CA ASN A 29 9.80 6.35 -30.07
C ASN A 29 9.60 4.85 -30.08
N GLY A 31 7.97 3.07 -32.52
CA GLY A 31 8.27 2.58 -33.87
C GLY A 31 9.74 2.37 -34.09
N GLN A 32 10.53 3.37 -33.71
CA GLN A 32 11.97 3.28 -33.83
C GLN A 32 12.58 2.15 -32.97
N ALA A 33 12.11 2.02 -31.73
CA ALA A 33 12.63 1.02 -30.80
C ALA A 33 12.29 -0.41 -31.26
N ILE A 34 11.07 -0.56 -31.73
CA ILE A 34 10.61 -1.84 -32.25
C ILE A 34 11.38 -2.18 -33.51
N GLY A 35 11.51 -1.20 -34.42
CA GLY A 35 12.20 -1.44 -35.66
C GLY A 35 13.65 -1.82 -35.44
N HIS A 36 14.28 -1.20 -34.46
CA HIS A 36 15.69 -1.45 -34.07
C HIS A 36 15.91 -2.94 -33.82
N ASN A 37 14.99 -3.56 -33.10
CA ASN A 37 15.08 -4.98 -32.78
C ASN A 37 14.84 -5.90 -33.99
N PHE A 38 13.92 -5.54 -34.87
CA PHE A 38 13.74 -6.33 -36.10
C PHE A 38 14.98 -6.19 -37.01
N GLU A 39 15.59 -5.01 -37.05
CA GLU A 39 16.79 -4.77 -37.86
C GLU A 39 17.94 -5.62 -37.30
N ILE A 40 18.10 -5.62 -35.98
CA ILE A 40 19.14 -6.47 -35.32
C ILE A 40 18.95 -7.94 -35.69
N ALA A 41 17.69 -8.38 -35.73
CA ALA A 41 17.35 -9.75 -36.08
C ALA A 41 17.52 -10.08 -37.56
N GLY A 42 17.95 -9.10 -38.38
CA GLY A 42 18.23 -9.26 -39.81
C GLY A 42 17.09 -9.03 -40.80
N HIS A 43 16.04 -8.33 -40.38
CA HIS A 43 14.93 -8.06 -41.25
C HIS A 43 15.01 -6.69 -41.86
N GLU A 44 14.32 -6.58 -42.97
CA GLU A 44 14.15 -5.33 -43.67
C GLU A 44 12.94 -4.64 -43.02
N VAL A 45 13.17 -3.44 -42.47
CA VAL A 45 12.11 -2.67 -41.80
C VAL A 45 11.85 -1.38 -42.59
N THR A 46 10.60 -1.15 -42.87
CA THR A 46 10.14 0.02 -43.60
C THR A 46 9.28 0.81 -42.64
N TYR A 47 9.50 2.12 -42.59
CA TYR A 47 8.79 3.03 -41.71
C TYR A 47 7.92 4.03 -42.47
N TYR A 48 6.70 4.27 -41.99
CA TYR A 48 5.80 5.28 -42.55
C TYR A 48 5.26 6.13 -41.43
N GLY A 49 5.50 7.43 -41.52
CA GLY A 49 4.94 8.39 -40.58
C GLY A 49 3.58 8.87 -41.01
N SER A 50 3.07 9.87 -40.26
CA SER A 50 1.72 10.39 -40.46
C SER A 50 1.52 11.06 -41.82
N LYS A 51 2.58 11.61 -42.39
CA LYS A 51 2.50 12.26 -43.72
C LYS A 51 2.97 11.38 -44.89
N ASP A 52 3.27 10.09 -44.63
CA ASP A 52 3.74 9.13 -45.63
C ASP A 52 2.65 8.15 -46.02
N GLN A 53 2.75 7.60 -47.22
CA GLN A 53 1.81 6.59 -47.76
C GLN A 53 2.56 5.35 -48.15
N ALA A 54 2.01 4.20 -47.77
CA ALA A 54 2.59 2.90 -48.06
C ALA A 54 1.92 2.31 -49.33
N THR A 55 2.76 1.81 -50.23
CA THR A 55 2.35 1.19 -51.49
C THR A 55 2.16 -0.30 -51.34
N THR A 56 2.79 -0.91 -50.35
CA THR A 56 2.75 -2.34 -50.15
C THR A 56 3.09 -2.58 -48.69
N LEU A 57 2.58 -3.65 -48.08
CA LEU A 57 2.86 -3.95 -46.67
C LEU A 57 3.59 -5.27 -46.51
N GLY A 58 4.45 -5.34 -45.51
CA GLY A 58 5.14 -6.56 -45.18
C GLY A 58 4.23 -7.58 -44.52
N GLU A 59 4.81 -8.74 -44.24
CA GLU A 59 4.13 -9.87 -43.62
C GLU A 59 3.68 -9.55 -42.18
N ILE A 60 4.53 -8.83 -41.46
CA ILE A 60 4.26 -8.31 -40.12
C ILE A 60 4.13 -6.78 -40.19
N VAL A 61 3.01 -6.27 -39.67
CA VAL A 61 2.73 -4.83 -39.69
C VAL A 61 2.58 -4.38 -38.24
N ILE A 62 3.41 -3.41 -37.83
CA ILE A 62 3.39 -2.82 -36.48
C ILE A 62 2.65 -1.48 -36.50
N ALA A 64 2.37 1.34 -34.65
CA ALA A 64 3.09 2.11 -33.61
C ALA A 64 2.65 3.58 -33.56
N VAL A 65 1.35 3.71 -33.43
CA VAL A 65 0.64 4.96 -33.47
C VAL A 65 -0.23 5.13 -32.22
N PRO A 66 -0.66 6.37 -31.91
CA PRO A 66 -1.58 6.58 -30.79
C PRO A 66 -2.92 5.87 -30.98
N TYR A 67 -3.51 5.38 -29.91
CA TYR A 67 -4.78 4.70 -30.01
C TYR A 67 -5.84 5.45 -30.86
N PRO A 68 -6.02 6.78 -30.65
CA PRO A 68 -7.06 7.47 -31.47
C PRO A 68 -6.84 7.41 -32.99
N ALA A 69 -5.60 7.19 -33.43
CA ALA A 69 -5.23 7.00 -34.84
C ALA A 69 -5.42 5.59 -35.38
N LEU A 70 -5.58 4.60 -34.51
CA LEU A 70 -5.60 3.18 -34.91
C LEU A 70 -6.71 2.77 -35.90
N ALA A 71 -7.96 3.12 -35.60
CA ALA A 71 -9.05 2.69 -36.47
C ALA A 71 -9.00 3.32 -37.86
N ALA A 72 -8.67 4.61 -37.93
CA ALA A 72 -8.52 5.28 -39.22
C ALA A 72 -7.37 4.66 -40.05
N LEU A 73 -6.26 4.30 -39.39
CA LEU A 73 -5.15 3.66 -40.08
C LEU A 73 -5.54 2.28 -40.61
N ALA A 74 -6.19 1.47 -39.77
CA ALA A 74 -6.67 0.18 -40.17
C ALA A 74 -7.65 0.28 -41.33
N LYS A 75 -8.48 1.33 -41.35
CA LYS A 75 -9.40 1.53 -42.48
C LYS A 75 -8.63 1.85 -43.76
N GLN A 76 -7.65 2.77 -43.65
CA GLN A 76 -6.87 3.22 -44.78
C GLN A 76 -6.24 2.06 -45.55
N TYR A 77 -5.66 1.11 -44.79
CA TYR A 77 -4.99 -0.06 -45.34
C TYR A 77 -5.78 -1.36 -45.24
N ALA A 78 -7.11 -1.27 -45.17
CA ALA A 78 -8.01 -2.41 -45.02
C ALA A 78 -7.67 -3.51 -45.97
N THR A 79 -7.51 -3.16 -47.25
CA THR A 79 -7.18 -4.19 -48.25
C THR A 79 -5.83 -4.85 -48.09
N GLN A 80 -4.78 -4.06 -47.94
CA GLN A 80 -3.42 -4.58 -47.80
C GLN A 80 -3.19 -5.37 -46.50
N LEU A 81 -4.01 -5.08 -45.49
CA LEU A 81 -3.85 -5.73 -44.22
C LEU A 81 -4.42 -7.13 -44.18
N LYS A 82 -5.25 -7.49 -45.16
CA LYS A 82 -5.79 -8.85 -45.25
C LYS A 82 -4.63 -9.84 -45.42
N GLY A 83 -4.66 -10.89 -44.59
CA GLY A 83 -3.63 -11.92 -44.58
C GLY A 83 -2.31 -11.58 -43.89
N LYS A 84 -2.27 -10.44 -43.18
CA LYS A 84 -1.08 -10.01 -42.49
C LYS A 84 -1.20 -10.22 -40.97
N ILE A 85 -0.02 -10.32 -40.35
CA ILE A 85 0.11 -10.31 -38.89
C ILE A 85 0.12 -8.81 -38.57
N VAL A 86 -0.83 -8.36 -37.74
CA VAL A 86 -0.99 -6.89 -37.46
C VAL A 86 -0.83 -6.72 -35.96
N VAL A 87 0.16 -5.92 -35.53
CA VAL A 87 0.54 -5.84 -34.12
C VAL A 87 0.07 -4.51 -33.51
N ASP A 88 -0.81 -4.62 -32.53
CA ASP A 88 -1.35 -3.49 -31.78
C ASP A 88 -0.50 -3.33 -30.52
N ILE A 89 0.16 -2.18 -30.41
CA ILE A 89 1.04 -1.90 -29.27
C ILE A 89 0.43 -0.89 -28.32
N THR A 90 -0.82 -0.48 -28.55
CA THR A 90 -1.43 0.67 -27.82
C THR A 90 -1.74 0.43 -26.35
N ASN A 91 -1.63 1.51 -25.57
CA ASN A 91 -2.14 1.57 -24.22
C ASN A 91 -3.27 2.60 -24.37
N PRO A 92 -4.52 2.14 -24.49
CA PRO A 92 -5.66 3.06 -24.75
C PRO A 92 -6.15 3.84 -23.52
N LEU A 93 -5.26 4.62 -22.93
CA LEU A 93 -5.63 5.39 -21.74
C LEU A 93 -6.52 6.54 -22.11
N ASN A 94 -7.35 6.94 -21.12
CA ASN A 94 -8.00 8.22 -21.19
C ASN A 94 -6.91 9.19 -20.72
N PHE A 95 -6.31 9.94 -21.67
CA PHE A 95 -5.20 10.85 -21.33
C PHE A 95 -5.66 12.17 -20.70
N ASP A 96 -6.95 12.43 -20.68
CA ASP A 96 -7.49 13.60 -19.97
C ASP A 96 -7.55 13.34 -18.47
N THR A 97 -7.93 12.12 -18.09
CA THR A 97 -8.07 11.77 -16.67
C THR A 97 -6.99 10.85 -16.11
N TRP A 98 -6.35 10.05 -16.95
CA TRP A 98 -5.40 9.01 -16.49
C TRP A 98 -6.03 8.08 -15.44
N ASP A 99 -7.34 7.92 -15.49
CA ASP A 99 -8.05 7.14 -14.49
C ASP A 99 -8.93 6.09 -15.08
N ASP A 100 -8.83 5.88 -16.40
CA ASP A 100 -9.59 4.86 -17.10
C ASP A 100 -8.92 4.61 -18.45
N LEU A 101 -9.29 3.47 -19.03
CA LEU A 101 -8.99 3.18 -20.43
C LEU A 101 -10.21 3.63 -21.19
N VAL A 102 -10.06 3.80 -22.51
CA VAL A 102 -11.15 4.26 -23.39
C VAL A 102 -11.75 3.12 -24.27
N VAL A 103 -11.52 1.88 -23.85
CA VAL A 103 -12.09 0.72 -24.49
C VAL A 103 -12.94 0.03 -23.41
N PRO A 104 -13.86 -0.85 -23.80
CA PRO A 104 -14.71 -1.50 -22.79
C PRO A 104 -13.91 -2.29 -21.75
N ALA A 105 -14.40 -2.26 -20.51
CA ALA A 105 -13.73 -2.93 -19.37
C ALA A 105 -13.54 -4.44 -19.55
N ASP A 106 -14.35 -5.09 -20.40
CA ASP A 106 -14.23 -6.51 -20.68
C ASP A 106 -13.60 -6.78 -22.04
N SER A 107 -12.90 -5.79 -22.59
CA SER A 107 -12.35 -5.91 -23.92
C SER A 107 -10.98 -5.24 -23.98
N SER A 108 -10.56 -4.87 -25.19
CA SER A 108 -9.26 -4.33 -25.43
C SER A 108 -9.24 -3.68 -26.81
N ALA A 109 -8.27 -2.80 -27.04
CA ALA A 109 -8.07 -2.16 -28.33
C ALA A 109 -7.73 -3.24 -29.37
N ALA A 110 -7.02 -4.30 -28.96
CA ALA A 110 -6.65 -5.37 -29.89
C ALA A 110 -7.88 -6.14 -30.34
N GLN A 111 -8.79 -6.43 -29.41
CA GLN A 111 -10.03 -7.12 -29.76
C GLN A 111 -10.84 -6.30 -30.74
N GLU A 112 -10.88 -4.98 -30.52
CA GLU A 112 -11.56 -4.03 -31.44
CA GLU A 112 -11.64 -4.14 -31.43
C GLU A 112 -10.94 -4.12 -32.82
N LEU A 113 -9.60 -4.14 -32.84
CA LEU A 113 -8.89 -4.15 -34.11
C LEU A 113 -9.13 -5.45 -34.84
N GLN A 114 -9.21 -6.56 -34.11
CA GLN A 114 -9.40 -7.87 -34.73
C GLN A 114 -10.81 -7.95 -35.35
N GLN A 115 -11.78 -7.27 -34.76
CA GLN A 115 -13.16 -7.22 -35.33
C GLN A 115 -13.15 -6.37 -36.59
N GLN A 116 -12.38 -5.29 -36.58
CA GLN A 116 -12.25 -4.40 -37.72
C GLN A 116 -11.49 -5.05 -38.88
N LEU A 117 -10.53 -5.92 -38.56
CA LEU A 117 -9.67 -6.60 -39.51
C LEU A 117 -9.90 -8.12 -39.43
N PRO A 118 -11.08 -8.58 -39.87
CA PRO A 118 -11.38 -10.01 -39.73
C PRO A 118 -10.50 -11.00 -40.55
N ASP A 119 -9.83 -10.50 -41.58
CA ASP A 119 -8.93 -11.32 -42.40
C ASP A 119 -7.44 -11.17 -42.05
N SER A 120 -7.16 -10.53 -40.90
CA SER A 120 -5.82 -10.32 -40.40
C SER A 120 -5.66 -11.07 -39.09
N GLN A 121 -4.38 -11.26 -38.81
N GLN A 121 -4.46 -11.48 -38.71
CA GLN A 121 -3.95 -11.95 -37.57
CA GLN A 121 -4.25 -12.24 -37.42
C GLN A 121 -3.50 -10.82 -36.63
C GLN A 121 -3.58 -11.13 -36.51
N VAL A 122 -4.40 -10.44 -35.71
CA VAL A 122 -4.04 -9.37 -34.78
C VAL A 122 -3.34 -9.90 -33.55
N LEU A 123 -2.23 -9.26 -33.18
CA LEU A 123 -1.47 -9.60 -32.01
C LEU A 123 -1.40 -8.36 -31.14
N LYS A 124 -1.46 -8.57 -29.82
CA LYS A 124 -1.14 -7.51 -28.86
C LYS A 124 0.30 -7.78 -28.44
N ALA A 125 1.19 -6.81 -28.65
CA ALA A 125 2.59 -6.96 -28.26
C ALA A 125 3.22 -5.58 -28.06
N PHE A 126 4.28 -5.55 -27.24
CA PHE A 126 5.07 -4.36 -26.91
C PHE A 126 4.40 -3.30 -26.03
N ASN A 127 3.11 -3.44 -25.70
CA ASN A 127 2.41 -2.42 -24.92
C ASN A 127 2.92 -2.42 -23.46
N THR A 128 3.56 -3.51 -23.00
CA THR A 128 4.08 -3.58 -21.66
C THR A 128 5.56 -3.29 -21.55
N THR A 129 6.23 -2.91 -22.67
CA THR A 129 7.66 -2.65 -22.68
C THR A 129 7.89 -1.19 -23.01
N PHE A 130 8.42 -0.41 -22.05
CA PHE A 130 8.68 1.00 -22.34
C PHE A 130 9.73 1.09 -23.49
N ALA A 131 9.63 2.16 -24.28
CA ALA A 131 10.47 2.33 -25.48
C ALA A 131 11.96 2.23 -25.20
N ALA A 132 12.44 2.84 -24.09
CA ALA A 132 13.88 2.80 -23.76
C ALA A 132 14.36 1.38 -23.50
N THR A 133 13.47 0.52 -22.98
CA THR A 133 13.79 -0.88 -22.74
C THR A 133 13.90 -1.68 -24.03
N LEU A 134 13.12 -1.31 -25.05
CA LEU A 134 13.25 -1.91 -26.37
C LEU A 134 14.55 -1.44 -27.09
N GLN A 135 14.87 -0.14 -26.99
CA GLN A 135 16.09 0.39 -27.59
C GLN A 135 17.30 -0.27 -27.02
N SER A 136 17.34 -0.35 -25.69
CA SER A 136 18.52 -0.92 -25.00
C SER A 136 18.52 -2.45 -24.92
N GLY A 137 17.34 -3.05 -24.96
CA GLY A 137 17.17 -4.49 -24.79
C GLY A 137 17.15 -4.95 -23.33
N GLN A 138 17.26 -4.00 -22.41
CA GLN A 138 17.23 -4.29 -20.96
C GLN A 138 16.26 -3.37 -20.21
N VAL A 139 15.81 -3.85 -19.04
CA VAL A 139 14.93 -3.12 -18.15
C VAL A 139 15.92 -2.45 -17.21
N ASN A 140 16.11 -1.16 -17.41
CA ASN A 140 17.14 -0.30 -16.75
C ASN A 140 18.47 -1.00 -16.44
N GLY A 141 19.01 -1.67 -17.45
CA GLY A 141 20.30 -2.30 -17.35
C GLY A 141 20.41 -3.51 -16.45
N LYS A 142 19.27 -4.03 -15.99
CA LYS A 142 19.25 -5.08 -14.99
C LYS A 142 18.76 -6.44 -15.39
N GLU A 143 17.85 -6.49 -16.37
CA GLU A 143 17.22 -7.74 -16.81
C GLU A 143 16.88 -7.61 -18.30
N PRO A 144 16.89 -8.70 -19.07
CA PRO A 144 16.52 -8.54 -20.47
C PRO A 144 15.06 -8.18 -20.64
N THR A 145 14.78 -7.32 -21.62
CA THR A 145 13.43 -6.87 -21.92
C THR A 145 12.63 -8.04 -22.49
N THR A 146 11.35 -8.14 -22.12
CA THR A 146 10.48 -9.26 -22.50
C THR A 146 9.16 -8.77 -23.11
N VAL A 147 8.91 -9.21 -24.34
CA VAL A 147 7.68 -8.94 -25.03
C VAL A 147 6.68 -9.99 -24.64
N LEU A 148 5.48 -9.54 -24.28
CA LEU A 148 4.34 -10.43 -23.96
C LEU A 148 3.37 -10.34 -25.12
N VAL A 149 3.21 -11.43 -25.87
CA VAL A 149 2.39 -11.39 -27.09
C VAL A 149 1.12 -12.23 -26.92
N ALA A 150 -0.03 -11.59 -27.08
CA ALA A 150 -1.35 -12.22 -27.05
C ALA A 150 -1.96 -12.24 -28.48
N GLY A 151 -2.65 -13.30 -28.81
CA GLY A 151 -3.26 -13.43 -30.14
C GLY A 151 -3.93 -14.80 -30.26
N ASN A 152 -4.94 -14.87 -31.12
CA ASN A 152 -5.70 -16.11 -31.28
C ASN A 152 -4.97 -17.23 -32.05
N ASP A 153 -4.22 -16.86 -33.07
N ASP A 153 -4.24 -16.87 -33.10
CA ASP A 153 -3.55 -17.84 -33.91
CA ASP A 153 -3.56 -17.87 -33.93
C ASP A 153 -2.14 -18.12 -33.43
C ASP A 153 -2.14 -18.13 -33.46
N ASP A 154 -1.88 -19.37 -33.07
CA ASP A 154 -0.55 -19.78 -32.62
C ASP A 154 0.49 -19.63 -33.72
N SER A 155 0.13 -19.91 -34.98
CA SER A 155 1.10 -19.79 -36.05
C SER A 155 1.60 -18.33 -36.21
N ALA A 156 0.69 -17.38 -36.07
CA ALA A 156 0.96 -15.94 -36.11
C ALA A 156 1.94 -15.58 -34.96
N LYS A 157 1.63 -16.05 -33.74
CA LYS A 157 2.51 -15.81 -32.61
C LYS A 157 3.87 -16.45 -32.81
N GLN A 158 3.88 -17.67 -33.34
CA GLN A 158 5.15 -18.33 -33.65
C GLN A 158 5.98 -17.56 -34.67
N ARG A 159 5.34 -17.10 -35.75
CA ARG A 159 6.09 -16.33 -36.79
C ARG A 159 6.67 -15.00 -36.27
N PHE A 160 5.87 -14.33 -35.45
CA PHE A 160 6.27 -13.10 -34.78
C PHE A 160 7.47 -13.37 -33.88
N THR A 161 7.35 -14.43 -33.06
CA THR A 161 8.38 -14.81 -32.11
C THR A 161 9.64 -15.17 -32.86
N ARG A 162 9.49 -15.92 -33.95
CA ARG A 162 10.67 -16.28 -34.76
C ARG A 162 11.33 -15.06 -35.37
N ALA A 163 10.55 -14.07 -35.81
CA ALA A 163 11.10 -12.86 -36.39
C ALA A 163 12.02 -12.06 -35.42
N LEU A 164 11.78 -12.20 -34.10
CA LEU A 164 12.60 -11.58 -33.05
C LEU A 164 13.66 -12.51 -32.41
N ALA A 165 13.86 -13.69 -32.99
CA ALA A 165 14.80 -14.69 -32.44
C ALA A 165 16.23 -14.16 -32.25
N ASP A 166 16.72 -13.43 -33.24
CA ASP A 166 18.09 -12.93 -33.18
C ASP A 166 18.22 -11.51 -32.61
N SER A 167 17.13 -10.99 -32.02
CA SER A 167 17.16 -9.72 -31.30
C SER A 167 17.51 -10.02 -29.87
N PRO A 168 17.87 -8.97 -29.11
CA PRO A 168 18.11 -9.22 -27.68
C PRO A 168 16.84 -9.41 -26.82
N LEU A 169 15.65 -9.33 -27.39
CA LEU A 169 14.45 -9.42 -26.60
C LEU A 169 14.03 -10.86 -26.34
N GLU A 170 13.49 -11.08 -25.15
CA GLU A 170 12.80 -12.31 -24.81
C GLU A 170 11.37 -12.14 -25.27
N VAL A 171 10.71 -13.22 -25.66
CA VAL A 171 9.33 -13.18 -26.11
C VAL A 171 8.59 -14.35 -25.46
N LYS A 172 7.45 -14.07 -24.82
CA LYS A 172 6.59 -15.07 -24.17
C LYS A 172 5.19 -14.93 -24.70
N ASP A 173 4.51 -16.07 -24.84
CA ASP A 173 3.14 -16.16 -25.27
C ASP A 173 2.22 -15.85 -24.10
N ALA A 174 1.50 -14.75 -24.21
CA ALA A 174 0.58 -14.28 -23.18
C ALA A 174 -0.84 -14.87 -23.26
N GLY A 175 -1.07 -15.73 -24.26
CA GLY A 175 -2.33 -16.40 -24.47
C GLY A 175 -3.12 -15.90 -25.66
N LYS A 176 -4.44 -16.13 -25.63
CA LYS A 176 -5.30 -15.75 -26.73
C LYS A 176 -5.54 -14.25 -26.70
N LEU A 177 -6.22 -13.74 -27.72
CA LEU A 177 -6.38 -12.29 -27.81
C LEU A 177 -7.20 -11.68 -26.64
N LYS A 178 -8.08 -12.49 -26.02
CA LYS A 178 -8.84 -12.13 -24.81
C LYS A 178 -7.88 -11.62 -23.71
N ARG A 179 -6.65 -12.16 -23.68
CA ARG A 179 -5.65 -11.68 -22.72
C ARG A 179 -5.11 -10.28 -22.96
N ALA A 180 -5.46 -9.66 -24.08
CA ALA A 180 -5.05 -8.28 -24.34
C ALA A 180 -5.64 -7.35 -23.27
N ARG A 181 -6.78 -7.74 -22.68
CA ARG A 181 -7.36 -6.99 -21.58
C ARG A 181 -6.34 -6.89 -20.42
N GLU A 182 -5.77 -8.03 -20.05
CA GLU A 182 -4.81 -8.07 -18.95
C GLU A 182 -3.52 -7.33 -19.31
N LEU A 183 -3.06 -7.46 -20.57
CA LEU A 183 -1.89 -6.76 -21.04
C LEU A 183 -2.11 -5.26 -20.98
N GLU A 184 -3.28 -4.80 -21.43
CA GLU A 184 -3.58 -3.35 -21.37
C GLU A 184 -3.65 -2.87 -19.91
N ALA A 185 -4.20 -3.66 -19.02
CA ALA A 185 -4.25 -3.29 -17.60
C ALA A 185 -2.83 -3.14 -17.04
N GLY A 187 -0.03 -2.46 -18.80
CA GLY A 187 0.59 -1.30 -19.41
C GLY A 187 0.14 -0.04 -18.70
N PHE A 188 -1.14 0.05 -18.40
CA PHE A 188 -1.73 1.18 -17.66
C PHE A 188 -1.08 1.28 -16.28
N GLN A 190 1.83 0.13 -15.28
CA GLN A 190 3.22 0.45 -15.45
C GLN A 190 3.39 1.96 -15.66
N THR A 192 1.30 4.39 -14.78
CA THR A 192 0.91 5.23 -13.63
C THR A 192 2.02 5.16 -12.58
N LEU A 193 2.64 4.00 -12.41
CA LEU A 193 3.79 3.90 -11.49
C LEU A 193 4.97 4.77 -11.92
N ALA A 194 5.27 4.83 -13.21
CA ALA A 194 6.38 5.63 -13.71
C ALA A 194 6.03 7.14 -13.63
N ALA A 195 4.77 7.47 -13.90
CA ALA A 195 4.29 8.83 -13.84
C ALA A 195 4.42 9.38 -12.44
N SER A 196 4.09 8.56 -11.43
CA SER A 196 4.22 8.97 -10.03
C SER A 196 5.69 8.98 -9.54
N GLU A 197 6.63 8.62 -10.40
CA GLU A 197 8.08 8.62 -10.12
C GLU A 197 8.56 7.53 -9.19
N GLN A 198 7.71 6.55 -8.94
CA GLN A 198 8.10 5.40 -8.11
C GLN A 198 8.96 4.40 -8.84
N ILE A 199 8.80 4.36 -10.16
CA ILE A 199 9.77 3.77 -11.06
C ILE A 199 10.04 4.86 -12.10
N GLY A 200 11.08 4.66 -12.88
CA GLY A 200 11.41 5.49 -14.03
C GLY A 200 10.98 4.86 -15.35
N TRP A 201 11.05 5.68 -16.37
CA TRP A 201 10.66 5.29 -17.72
C TRP A 201 11.68 4.42 -18.53
N THR A 202 12.85 4.13 -17.95
CA THR A 202 13.79 3.18 -18.55
C THR A 202 13.74 1.82 -17.83
N GLY A 203 12.89 1.71 -16.80
CA GLY A 203 12.67 0.49 -16.05
C GLY A 203 11.31 -0.13 -16.36
N GLY A 204 10.61 -0.58 -15.32
CA GLY A 204 9.32 -1.17 -15.49
C GLY A 204 9.28 -2.60 -15.01
N PHE A 205 8.37 -3.36 -15.57
CA PHE A 205 8.18 -4.75 -15.14
C PHE A 205 9.06 -5.69 -15.92
N ALA A 206 10.08 -6.25 -15.26
CA ALA A 206 10.93 -7.25 -15.85
C ALA A 206 10.25 -8.60 -15.66
N VAL A 207 10.30 -9.45 -16.66
CA VAL A 207 9.70 -10.79 -16.57
C VAL A 207 10.82 -11.78 -16.25
N VAL A 208 10.81 -12.28 -15.02
CA VAL A 208 11.84 -13.17 -14.49
C VAL A 208 11.34 -14.61 -14.37
N LYS A 209 12.07 -15.52 -15.02
CA LYS A 209 11.70 -16.93 -14.98
C LYS A 209 11.89 -17.49 -13.59
N SER B 3 10.73 -7.99 27.49
CA SER B 3 10.16 -6.91 26.65
C SER B 3 9.15 -7.61 25.77
N ASP B 4 8.01 -8.03 26.32
CA ASP B 4 7.14 -9.01 25.59
C ASP B 4 6.98 -8.90 24.04
N LYS B 5 6.56 -7.72 23.59
CA LYS B 5 6.31 -7.42 22.18
C LYS B 5 7.29 -6.41 21.58
N ILE B 6 8.46 -6.27 22.21
CA ILE B 6 9.44 -5.31 21.75
CA ILE B 6 9.48 -5.32 21.79
C ILE B 6 10.48 -6.09 20.96
N HIS B 7 10.78 -5.58 19.78
CA HIS B 7 11.70 -6.23 18.84
C HIS B 7 12.58 -5.21 18.16
N HIS B 8 13.59 -5.72 17.45
CA HIS B 8 14.50 -4.90 16.67
C HIS B 8 13.88 -4.63 15.30
N HIS B 9 14.13 -3.43 14.78
CA HIS B 9 13.56 -2.93 13.53
C HIS B 9 14.71 -2.65 12.61
N HIS B 10 14.95 -3.62 11.71
CA HIS B 10 16.12 -3.67 10.85
C HIS B 10 16.43 -2.40 10.03
N HIS B 11 15.40 -1.74 9.49
CA HIS B 11 15.59 -0.53 8.66
C HIS B 11 15.35 0.80 9.41
N HIS B 12 15.34 0.71 10.74
CA HIS B 12 15.38 1.87 11.64
C HIS B 12 16.59 1.68 12.56
N GLU B 13 17.76 1.43 11.95
CA GLU B 13 19.06 1.25 12.65
CA GLU B 13 19.03 1.29 12.71
C GLU B 13 19.04 0.17 13.74
N ASN B 14 18.24 -0.87 13.50
CA ASN B 14 18.08 -1.98 14.43
C ASN B 14 17.54 -1.53 15.81
N LEU B 15 16.87 -0.37 15.86
CA LEU B 15 16.34 0.13 17.14
C LEU B 15 15.31 -0.82 17.70
N TYR B 16 15.15 -0.77 19.02
CA TYR B 16 14.40 -1.76 19.75
C TYR B 16 13.14 -1.12 20.30
N PHE B 17 11.98 -1.43 19.74
CA PHE B 17 10.75 -0.84 20.15
C PHE B 17 9.56 -1.69 19.75
N GLN B 18 8.41 -1.37 20.32
CA GLN B 18 7.23 -2.19 20.07
C GLN B 18 6.73 -1.98 18.67
N GLY B 19 6.51 -3.10 18.00
CA GLY B 19 5.96 -3.07 16.67
C GLY B 19 4.43 -3.15 16.75
N GLU B 21 0.54 -4.77 15.72
CA GLU B 21 -0.18 -6.03 15.82
C GLU B 21 -0.75 -6.29 14.45
N ILE B 22 -0.39 -7.45 13.86
CA ILE B 22 -0.85 -7.85 12.56
C ILE B 22 -1.60 -9.16 12.70
N THR B 23 -2.77 -9.26 12.06
CA THR B 23 -3.56 -10.47 12.03
C THR B 23 -3.58 -10.97 10.60
N ILE B 24 -3.37 -12.25 10.42
CA ILE B 24 -3.45 -12.85 9.11
CA ILE B 24 -3.34 -12.92 9.14
C ILE B 24 -4.45 -13.97 9.10
N PHE B 25 -5.45 -13.80 8.25
CA PHE B 25 -6.48 -14.82 8.04
C PHE B 25 -5.96 -15.63 6.85
N GLY B 26 -5.83 -16.93 7.05
CA GLY B 26 -5.30 -17.84 6.01
C GLY B 26 -3.89 -18.27 6.34
N LYS B 27 -3.73 -19.56 6.59
CA LYS B 27 -2.44 -20.15 6.95
C LYS B 27 -1.82 -20.96 5.81
N GLY B 28 -2.10 -20.53 4.60
CA GLY B 28 -1.57 -21.16 3.38
C GLY B 28 -0.25 -20.60 2.97
N ASN B 29 0.16 -20.89 1.73
CA ASN B 29 1.48 -20.44 1.29
C ASN B 29 1.59 -18.89 1.32
N GLY B 31 -0.40 -16.64 3.12
CA GLY B 31 -0.55 -16.13 4.50
C GLY B 31 0.75 -16.30 5.26
N GLN B 32 1.38 -17.47 5.13
CA GLN B 32 2.64 -17.70 5.82
CA GLN B 32 2.67 -17.77 5.76
C GLN B 32 3.76 -16.80 5.30
N ALA B 33 3.86 -16.61 3.98
CA ALA B 33 4.90 -15.76 3.41
C ALA B 33 4.71 -14.28 3.75
N ILE B 34 3.47 -13.84 3.81
CA ILE B 34 3.16 -12.45 4.19
C ILE B 34 3.51 -12.27 5.66
N GLY B 35 3.05 -13.18 6.50
CA GLY B 35 3.33 -13.08 7.94
C GLY B 35 4.81 -13.10 8.24
N HIS B 36 5.57 -13.89 7.46
CA HIS B 36 7.02 -13.96 7.56
C HIS B 36 7.63 -12.57 7.47
N ASN B 37 7.14 -11.74 6.56
CA ASN B 37 7.72 -10.42 6.38
C ASN B 37 7.36 -9.49 7.52
N PHE B 38 6.12 -9.55 7.99
CA PHE B 38 5.76 -8.75 9.16
C PHE B 38 6.54 -9.20 10.41
N GLU B 39 6.83 -10.50 10.52
CA GLU B 39 7.62 -11.03 11.63
C GLU B 39 9.07 -10.49 11.59
N ILE B 40 9.73 -10.61 10.45
CA ILE B 40 11.10 -10.12 10.36
C ILE B 40 11.22 -8.60 10.46
N ALA B 41 10.13 -7.90 10.20
CA ALA B 41 10.05 -6.46 10.36
C ALA B 41 9.84 -6.06 11.84
N GLY B 42 9.66 -7.04 12.74
CA GLY B 42 9.60 -6.78 14.18
C GLY B 42 8.24 -6.61 14.76
N HIS B 43 7.21 -7.09 14.05
CA HIS B 43 5.84 -6.96 14.45
C HIS B 43 5.33 -8.25 15.07
N GLU B 44 4.17 -8.12 15.70
CA GLU B 44 3.47 -9.22 16.38
CA GLU B 44 3.48 -9.20 16.39
C GLU B 44 2.43 -9.74 15.42
N VAL B 45 2.62 -10.98 14.95
CA VAL B 45 1.76 -11.60 13.97
C VAL B 45 1.00 -12.78 14.54
N THR B 46 -0.31 -12.74 14.45
CA THR B 46 -1.20 -13.80 14.82
C THR B 46 -1.92 -14.34 13.59
N TYR B 47 -1.98 -15.68 13.43
CA TYR B 47 -2.59 -16.33 12.29
C TYR B 47 -3.88 -17.08 12.68
N TYR B 48 -4.87 -16.99 11.82
CA TYR B 48 -6.12 -17.75 11.98
C TYR B 48 -6.54 -18.33 10.65
N GLY B 49 -6.98 -19.60 10.64
CA GLY B 49 -7.63 -20.10 9.44
C GLY B 49 -8.98 -19.40 9.32
N SER B 50 -9.61 -19.44 8.15
CA SER B 50 -10.92 -18.77 7.99
C SER B 50 -11.99 -19.33 8.96
N LYS B 51 -11.86 -20.59 9.42
CA LYS B 51 -12.83 -21.20 10.34
C LYS B 51 -12.41 -21.03 11.85
N ASP B 52 -11.23 -20.49 12.11
CA ASP B 52 -10.73 -20.30 13.48
C ASP B 52 -11.36 -19.05 14.07
N GLN B 53 -11.43 -19.00 15.39
CA GLN B 53 -11.96 -17.85 16.07
C GLN B 53 -10.88 -16.80 16.26
N ALA B 54 -11.07 -15.60 15.70
CA ALA B 54 -10.07 -14.53 15.84
C ALA B 54 -10.25 -13.85 17.22
N THR B 55 -9.48 -14.31 18.18
CA THR B 55 -9.55 -13.76 19.55
C THR B 55 -8.95 -12.37 19.66
N THR B 56 -8.06 -12.02 18.75
CA THR B 56 -7.46 -10.71 18.70
C THR B 56 -7.51 -10.26 17.23
N LEU B 57 -7.67 -8.96 16.99
CA LEU B 57 -7.60 -8.35 15.65
C LEU B 57 -6.68 -7.14 15.71
N GLY B 58 -5.59 -7.16 14.95
CA GLY B 58 -4.63 -6.10 14.95
C GLY B 58 -4.99 -4.87 14.15
N GLU B 59 -4.01 -3.97 14.01
CA GLU B 59 -4.17 -2.72 13.27
C GLU B 59 -4.26 -2.93 11.74
N ILE B 60 -3.63 -4.02 11.28
CA ILE B 60 -3.64 -4.45 9.90
C ILE B 60 -4.10 -5.90 9.95
N VAL B 61 -5.10 -6.21 9.13
CA VAL B 61 -5.71 -7.54 9.00
C VAL B 61 -5.53 -7.95 7.53
N ILE B 62 -4.79 -9.05 7.32
CA ILE B 62 -4.54 -9.60 6.02
C ILE B 62 -5.53 -10.72 5.71
N ALA B 64 -5.78 -13.46 3.59
CA ALA B 64 -5.04 -14.36 2.73
C ALA B 64 -5.80 -15.68 2.55
N VAL B 65 -7.05 -15.53 2.11
CA VAL B 65 -8.02 -16.61 1.95
C VAL B 65 -8.58 -16.59 0.53
N PRO B 66 -9.19 -17.70 0.11
CA PRO B 66 -9.80 -17.68 -1.19
C PRO B 66 -10.85 -16.57 -1.35
N TYR B 67 -11.08 -16.14 -2.60
CA TYR B 67 -12.02 -15.05 -2.86
C TYR B 67 -13.42 -15.26 -2.21
N PRO B 68 -14.01 -16.45 -2.38
CA PRO B 68 -15.31 -16.72 -1.75
C PRO B 68 -15.35 -16.59 -0.23
N ALA B 69 -14.20 -16.70 0.46
CA ALA B 69 -14.14 -16.54 1.89
C ALA B 69 -14.13 -15.09 2.36
N LEU B 70 -13.81 -14.14 1.48
CA LEU B 70 -13.71 -12.75 1.89
C LEU B 70 -14.99 -12.18 2.47
N ALA B 71 -16.09 -12.33 1.74
CA ALA B 71 -17.35 -11.78 2.21
C ALA B 71 -17.77 -12.36 3.55
N ALA B 72 -17.59 -13.68 3.73
CA ALA B 72 -17.96 -14.35 5.00
C ALA B 72 -17.15 -13.86 6.18
N LEU B 73 -15.83 -13.68 6.01
CA LEU B 73 -15.00 -13.15 7.08
C LEU B 73 -15.39 -11.71 7.38
N ALA B 74 -15.54 -10.92 6.33
CA ALA B 74 -15.94 -9.53 6.49
C ALA B 74 -17.23 -9.47 7.30
N LYS B 75 -18.21 -10.30 6.96
CA LYS B 75 -19.48 -10.31 7.69
C LYS B 75 -19.34 -10.67 9.16
N GLN B 76 -18.53 -11.68 9.44
CA GLN B 76 -18.39 -12.17 10.81
C GLN B 76 -17.72 -11.17 11.74
N TYR B 77 -16.79 -10.38 11.19
CA TYR B 77 -16.03 -9.42 11.97
C TYR B 77 -16.27 -7.95 11.58
N ALA B 78 -17.33 -7.64 10.86
CA ALA B 78 -17.53 -6.31 10.30
C ALA B 78 -17.40 -5.19 11.31
N THR B 79 -18.08 -5.28 12.46
CA THR B 79 -18.00 -4.27 13.52
CA THR B 79 -17.97 -4.18 13.44
C THR B 79 -16.60 -4.16 14.09
N GLN B 80 -15.95 -5.31 14.25
CA GLN B 80 -14.63 -5.41 14.83
C GLN B 80 -13.53 -4.89 13.88
N LEU B 81 -13.85 -4.83 12.59
CA LEU B 81 -12.90 -4.36 11.56
C LEU B 81 -13.01 -2.85 11.32
N LYS B 82 -13.94 -2.17 11.98
CA LYS B 82 -14.10 -0.73 11.82
C LYS B 82 -12.79 -0.04 12.21
N GLY B 83 -12.31 0.87 11.38
CA GLY B 83 -11.11 1.61 11.69
C GLY B 83 -9.82 0.84 11.53
N LYS B 84 -9.87 -0.33 10.93
CA LYS B 84 -8.67 -1.12 10.71
C LYS B 84 -8.36 -1.19 9.23
N ILE B 85 -7.09 -1.41 8.93
CA ILE B 85 -6.56 -1.64 7.56
C ILE B 85 -6.83 -3.12 7.24
N VAL B 86 -7.57 -3.35 6.14
CA VAL B 86 -8.00 -4.68 5.73
C VAL B 86 -7.44 -4.92 4.34
N VAL B 87 -6.56 -5.93 4.20
CA VAL B 87 -5.84 -6.17 2.97
C VAL B 87 -6.34 -7.42 2.24
N ASP B 88 -6.84 -7.19 1.03
CA ASP B 88 -7.29 -8.21 0.09
C ASP B 88 -6.13 -8.58 -0.83
N ILE B 89 -5.66 -9.83 -0.74
CA ILE B 89 -4.57 -10.33 -1.54
C ILE B 89 -5.05 -11.20 -2.72
N THR B 90 -6.35 -11.32 -2.89
CA THR B 90 -6.84 -12.34 -3.82
C THR B 90 -6.57 -12.09 -5.30
N ASN B 91 -6.42 -13.21 -6.03
CA ASN B 91 -6.50 -13.18 -7.48
C ASN B 91 -7.79 -13.98 -7.75
N PRO B 92 -8.90 -13.29 -7.93
CA PRO B 92 -10.21 -13.94 -8.02
C PRO B 92 -10.50 -14.65 -9.37
N LEU B 93 -9.73 -15.69 -9.66
CA LEU B 93 -9.89 -16.43 -10.89
C LEU B 93 -11.14 -17.30 -10.84
N ASN B 94 -11.66 -17.55 -12.03
CA ASN B 94 -12.58 -18.63 -12.25
C ASN B 94 -11.65 -19.84 -12.39
N PHE B 95 -11.56 -20.63 -11.34
CA PHE B 95 -10.63 -21.77 -11.37
C PHE B 95 -11.11 -22.91 -12.24
N ASP B 96 -12.41 -22.93 -12.58
CA ASP B 96 -12.93 -23.96 -13.45
C ASP B 96 -12.40 -23.76 -14.86
N THR B 97 -12.30 -22.51 -15.31
CA THR B 97 -11.83 -22.22 -16.64
C THR B 97 -10.40 -21.73 -16.73
N TRP B 98 -9.87 -21.12 -15.65
CA TRP B 98 -8.57 -20.42 -15.70
C TRP B 98 -8.53 -19.38 -16.86
N ASP B 99 -9.70 -18.84 -17.21
CA ASP B 99 -9.84 -17.99 -18.39
C ASP B 99 -10.63 -16.71 -18.14
N ASP B 100 -10.96 -16.43 -16.89
CA ASP B 100 -11.83 -15.38 -16.50
C ASP B 100 -11.57 -15.10 -15.02
N LEU B 101 -12.00 -13.92 -14.59
CA LEU B 101 -12.11 -13.60 -13.18
C LEU B 101 -13.57 -13.72 -12.79
N VAL B 102 -13.86 -13.83 -11.50
CA VAL B 102 -15.23 -14.00 -10.95
C VAL B 102 -15.80 -12.71 -10.34
N VAL B 103 -15.21 -11.56 -10.66
CA VAL B 103 -15.70 -10.28 -10.24
C VAL B 103 -15.94 -9.46 -11.52
N PRO B 104 -16.76 -8.39 -11.44
CA PRO B 104 -17.04 -7.64 -12.66
C PRO B 104 -15.81 -7.07 -13.33
N ALA B 105 -15.86 -6.97 -14.65
CA ALA B 105 -14.75 -6.50 -15.49
C ALA B 105 -14.30 -5.06 -15.22
N ASP B 106 -15.21 -4.24 -14.69
CA ASP B 106 -14.92 -2.86 -14.30
C ASP B 106 -14.71 -2.70 -12.80
N SER B 107 -14.39 -3.78 -12.09
CA SER B 107 -14.30 -3.72 -10.64
C SER B 107 -13.21 -4.68 -10.16
N SER B 108 -13.26 -5.06 -8.90
CA SER B 108 -12.27 -5.89 -8.24
C SER B 108 -12.81 -6.47 -6.98
N ALA B 109 -12.20 -7.53 -6.49
CA ALA B 109 -12.64 -8.09 -5.20
C ALA B 109 -12.47 -7.06 -4.11
N ALA B 110 -11.38 -6.30 -4.17
CA ALA B 110 -11.12 -5.29 -3.15
C ALA B 110 -12.20 -4.21 -3.13
N GLN B 111 -12.66 -3.77 -4.28
CA GLN B 111 -13.75 -2.74 -4.30
C GLN B 111 -15.00 -3.32 -3.67
N GLU B 112 -15.30 -4.59 -3.93
CA GLU B 112 -16.45 -5.24 -3.27
C GLU B 112 -16.29 -5.25 -1.77
N LEU B 113 -15.08 -5.59 -1.30
CA LEU B 113 -14.81 -5.64 0.14
C LEU B 113 -14.95 -4.24 0.77
N GLN B 114 -14.50 -3.21 0.06
CA GLN B 114 -14.60 -1.83 0.55
C GLN B 114 -16.06 -1.37 0.68
N GLN B 115 -16.90 -1.85 -0.22
CA GLN B 115 -18.34 -1.59 -0.17
C GLN B 115 -18.98 -2.31 1.03
N GLN B 116 -18.52 -3.51 1.33
CA GLN B 116 -19.01 -4.27 2.48
C GLN B 116 -18.54 -3.71 3.81
N LEU B 117 -17.33 -3.15 3.80
CA LEU B 117 -16.69 -2.64 5.01
C LEU B 117 -16.41 -1.15 4.86
N PRO B 118 -17.48 -0.34 4.78
CA PRO B 118 -17.25 1.09 4.54
C PRO B 118 -16.42 1.83 5.56
N ASP B 119 -16.36 1.34 6.80
CA ASP B 119 -15.56 1.97 7.86
C ASP B 119 -14.18 1.36 8.03
N SER B 120 -13.80 0.44 7.13
CA SER B 120 -12.44 -0.13 7.13
C SER B 120 -11.69 0.51 5.99
N GLN B 121 -10.36 0.51 6.11
CA GLN B 121 -9.48 1.05 5.08
C GLN B 121 -8.97 -0.14 4.29
N VAL B 122 -9.70 -0.46 3.22
CA VAL B 122 -9.36 -1.62 2.37
C VAL B 122 -8.22 -1.32 1.41
N LEU B 123 -7.22 -2.19 1.46
CA LEU B 123 -6.12 -2.13 0.51
C LEU B 123 -6.05 -3.41 -0.30
N LYS B 124 -5.55 -3.27 -1.53
CA LYS B 124 -5.21 -4.40 -2.39
C LYS B 124 -3.69 -4.47 -2.32
N ALA B 125 -3.14 -5.62 -1.92
CA ALA B 125 -1.69 -5.79 -1.84
C ALA B 125 -1.35 -7.30 -1.91
N PHE B 126 -0.15 -7.57 -2.38
CA PHE B 126 0.44 -8.92 -2.44
C PHE B 126 -0.09 -9.83 -3.53
N ASN B 127 -1.12 -9.41 -4.28
CA ASN B 127 -1.67 -10.31 -5.26
C ASN B 127 -0.75 -10.48 -6.43
N THR B 128 0.19 -9.55 -6.63
CA THR B 128 1.15 -9.63 -7.71
C THR B 128 2.51 -10.26 -7.30
N THR B 129 2.64 -10.70 -6.06
CA THR B 129 3.89 -11.30 -5.56
C THR B 129 3.68 -12.79 -5.23
N PHE B 130 4.32 -13.68 -5.99
CA PHE B 130 4.21 -15.10 -5.66
C PHE B 130 4.80 -15.37 -4.25
N ALA B 131 4.24 -16.37 -3.57
CA ALA B 131 4.65 -16.72 -2.19
C ALA B 131 6.18 -16.89 -2.04
N ALA B 132 6.84 -17.58 -2.98
CA ALA B 132 8.28 -17.78 -2.85
C ALA B 132 9.08 -16.48 -2.88
N THR B 133 8.59 -15.49 -3.61
CA THR B 133 9.29 -14.22 -3.73
C THR B 133 9.11 -13.41 -2.40
N LEU B 134 8.00 -13.67 -1.70
CA LEU B 134 7.80 -13.05 -0.37
C LEU B 134 8.68 -13.76 0.66
N GLN B 135 8.73 -15.10 0.59
CA GLN B 135 9.61 -15.83 1.54
C GLN B 135 11.09 -15.42 1.41
N SER B 136 11.61 -15.36 0.18
CA SER B 136 13.02 -15.00 -0.05
C SER B 136 13.35 -13.54 -0.10
N GLY B 137 12.33 -12.73 -0.41
CA GLY B 137 12.46 -11.30 -0.56
C GLY B 137 12.97 -10.90 -1.94
N GLN B 138 13.15 -11.88 -2.82
CA GLN B 138 13.67 -11.65 -4.16
C GLN B 138 12.87 -12.40 -5.23
N VAL B 139 12.89 -11.83 -6.44
CA VAL B 139 12.25 -12.42 -7.59
C VAL B 139 13.32 -13.34 -8.23
N ASN B 140 13.22 -14.63 -7.92
CA ASN B 140 14.15 -15.70 -8.24
C ASN B 140 15.61 -15.26 -8.13
N GLY B 141 15.93 -14.70 -6.97
CA GLY B 141 17.30 -14.27 -6.64
C GLY B 141 17.92 -13.18 -7.46
N LYS B 142 17.13 -12.49 -8.30
CA LYS B 142 17.63 -11.49 -9.24
C LYS B 142 17.30 -10.03 -8.89
N GLU B 143 16.14 -9.75 -8.32
CA GLU B 143 15.65 -8.40 -8.00
C GLU B 143 14.87 -8.42 -6.69
N PRO B 144 14.84 -7.30 -5.94
CA PRO B 144 13.98 -7.30 -4.76
C PRO B 144 12.49 -7.39 -5.11
N THR B 145 11.75 -8.15 -4.30
CA THR B 145 10.32 -8.30 -4.41
C THR B 145 9.68 -6.97 -4.06
N THR B 146 8.60 -6.64 -4.77
CA THR B 146 7.92 -5.36 -4.61
C THR B 146 6.43 -5.58 -4.43
N VAL B 147 5.88 -5.03 -3.36
CA VAL B 147 4.47 -5.05 -3.10
C VAL B 147 3.86 -3.80 -3.73
N LEU B 148 2.80 -3.97 -4.50
CA LEU B 148 2.05 -2.87 -5.10
C LEU B 148 0.77 -2.75 -4.32
N VAL B 149 0.57 -1.60 -3.67
CA VAL B 149 -0.56 -1.43 -2.80
C VAL B 149 -1.51 -0.36 -3.30
N ALA B 150 -2.75 -0.74 -3.54
CA ALA B 150 -3.77 0.21 -3.96
C ALA B 150 -4.77 0.42 -2.80
N GLY B 151 -5.29 1.65 -2.70
CA GLY B 151 -6.30 1.94 -1.65
C GLY B 151 -6.64 3.39 -1.69
N ASN B 152 -7.80 3.71 -1.13
CA ASN B 152 -8.31 5.10 -1.18
C ASN B 152 -7.67 6.05 -0.18
N ASP B 153 -7.34 5.55 1.01
CA ASP B 153 -6.80 6.35 2.10
C ASP B 153 -5.29 6.36 2.06
N ASP B 154 -4.72 7.50 1.73
CA ASP B 154 -3.28 7.64 1.67
C ASP B 154 -2.62 7.35 3.03
N SER B 155 -3.24 7.78 4.14
CA SER B 155 -2.66 7.50 5.45
C SER B 155 -2.61 5.99 5.78
N ALA B 156 -3.63 5.26 5.33
CA ALA B 156 -3.65 3.84 5.52
C ALA B 156 -2.53 3.18 4.68
N LYS B 157 -2.37 3.62 3.42
CA LYS B 157 -1.27 3.08 2.61
C LYS B 157 0.09 3.42 3.27
N GLN B 158 0.22 4.62 3.83
CA GLN B 158 1.47 4.98 4.49
C GLN B 158 1.74 4.11 5.71
N ARG B 159 0.69 3.82 6.51
CA ARG B 159 0.86 3.01 7.72
C ARG B 159 1.24 1.56 7.37
N PHE B 160 0.58 1.03 6.34
CA PHE B 160 0.88 -0.30 5.80
C PHE B 160 2.33 -0.37 5.32
N THR B 161 2.72 0.63 4.54
CA THR B 161 4.09 0.72 3.99
C THR B 161 5.10 0.76 5.15
N ARG B 162 4.79 1.54 6.19
CA ARG B 162 5.68 1.63 7.38
C ARG B 162 5.81 0.29 8.10
N ALA B 163 4.75 -0.51 8.11
CA ALA B 163 4.74 -1.84 8.76
C ALA B 163 5.64 -2.84 8.02
N LEU B 164 5.92 -2.58 6.74
CA LEU B 164 6.84 -3.41 5.93
C LEU B 164 8.24 -2.79 5.72
N ALA B 165 8.43 -1.56 6.22
CA ALA B 165 9.68 -0.82 6.02
C ALA B 165 10.88 -1.58 6.59
N ASP B 166 10.67 -2.38 7.64
CA ASP B 166 11.77 -3.14 8.24
C ASP B 166 11.94 -4.54 7.66
N SER B 167 11.15 -4.86 6.64
CA SER B 167 11.28 -6.11 5.91
C SER B 167 12.17 -5.89 4.68
N PRO B 168 12.50 -6.96 3.95
CA PRO B 168 13.25 -6.85 2.70
C PRO B 168 12.48 -6.38 1.47
N LEU B 169 11.18 -6.20 1.61
CA LEU B 169 10.33 -5.89 0.48
C LEU B 169 10.32 -4.41 0.12
N GLU B 170 10.23 -4.13 -1.15
CA GLU B 170 9.97 -2.79 -1.64
C GLU B 170 8.46 -2.68 -1.65
N VAL B 171 7.95 -1.46 -1.45
CA VAL B 171 6.52 -1.22 -1.41
C VAL B 171 6.26 0.03 -2.23
N LYS B 172 5.37 -0.05 -3.19
CA LYS B 172 5.02 1.10 -4.02
C LYS B 172 3.50 1.33 -3.97
N ASP B 173 3.11 2.59 -4.10
CA ASP B 173 1.73 3.02 -4.06
C ASP B 173 1.18 2.89 -5.47
N ALA B 174 0.26 1.95 -5.65
CA ALA B 174 -0.38 1.66 -6.94
C ALA B 174 -1.58 2.56 -7.25
N GLY B 175 -1.93 3.50 -6.37
CA GLY B 175 -3.04 4.40 -6.62
C GLY B 175 -4.23 4.09 -5.75
N LYS B 176 -5.37 4.66 -6.15
CA LYS B 176 -6.58 4.49 -5.40
C LYS B 176 -7.10 3.08 -5.56
N LEU B 177 -8.13 2.74 -4.78
CA LEU B 177 -8.62 1.33 -4.80
C LEU B 177 -9.14 0.88 -6.18
N LYS B 178 -9.63 1.81 -6.99
CA LYS B 178 -10.04 1.52 -8.39
C LYS B 178 -8.92 0.79 -9.19
N ARG B 179 -7.65 1.09 -8.86
CA ARG B 179 -6.49 0.40 -9.48
C ARG B 179 -6.34 -1.08 -9.11
N ALA B 180 -7.13 -1.55 -8.16
CA ALA B 180 -7.17 -3.00 -7.87
C ALA B 180 -7.60 -3.78 -9.11
N ARG B 181 -8.38 -3.19 -10.02
CA ARG B 181 -8.77 -3.85 -11.26
C ARG B 181 -7.51 -4.20 -12.05
N GLU B 182 -6.63 -3.24 -12.20
CA GLU B 182 -5.39 -3.49 -12.96
C GLU B 182 -4.42 -4.42 -12.22
N LEU B 183 -4.37 -4.34 -10.90
CA LEU B 183 -3.57 -5.25 -10.10
C LEU B 183 -4.06 -6.69 -10.27
N GLU B 184 -5.39 -6.89 -10.23
CA GLU B 184 -5.94 -8.22 -10.43
C GLU B 184 -5.65 -8.72 -11.83
N ALA B 185 -5.71 -7.85 -12.82
CA ALA B 185 -5.37 -8.26 -14.19
C ALA B 185 -3.90 -8.75 -14.29
N GLY B 187 -1.99 -9.86 -11.73
CA GLY B 187 -1.87 -11.10 -10.95
C GLY B 187 -2.33 -12.30 -11.79
N PHE B 188 -3.43 -12.14 -12.51
CA PHE B 188 -3.97 -13.19 -13.36
C PHE B 188 -2.96 -13.53 -14.44
N GLN B 190 0.25 -13.03 -14.48
CA GLN B 190 1.44 -13.65 -13.90
C GLN B 190 1.21 -15.16 -13.67
N THR B 192 -1.01 -17.10 -15.18
CA THR B 192 -1.11 -17.89 -16.44
C THR B 192 0.29 -18.13 -17.04
N LEU B 193 1.20 -17.17 -16.90
CA LEU B 193 2.56 -17.35 -17.41
C LEU B 193 3.29 -18.48 -16.66
N ALA B 194 3.09 -18.55 -15.34
CA ALA B 194 3.66 -19.66 -14.53
C ALA B 194 2.99 -20.98 -14.88
N ALA B 195 1.67 -20.96 -15.09
CA ALA B 195 0.91 -22.18 -15.45
C ALA B 195 1.41 -22.74 -16.77
N SER B 196 1.78 -21.87 -17.73
CA SER B 196 2.31 -22.30 -19.02
C SER B 196 3.82 -22.65 -19.00
N GLU B 197 4.48 -22.52 -17.87
CA GLU B 197 5.90 -22.82 -17.68
C GLU B 197 6.83 -21.86 -18.41
N GLN B 198 6.29 -20.71 -18.86
CA GLN B 198 7.17 -19.68 -19.42
C GLN B 198 7.95 -18.90 -18.36
N ILE B 199 7.42 -18.89 -17.14
CA ILE B 199 8.12 -18.50 -15.96
C ILE B 199 7.84 -19.57 -14.92
N GLY B 200 8.59 -19.56 -13.84
CA GLY B 200 8.35 -20.48 -12.69
C GLY B 200 7.69 -19.74 -11.53
N TRP B 201 7.32 -20.46 -10.50
CA TRP B 201 6.59 -19.89 -9.37
C TRP B 201 7.49 -19.15 -8.35
N THR B 202 8.80 -19.09 -8.58
CA THR B 202 9.69 -18.33 -7.72
C THR B 202 10.15 -17.05 -8.43
N GLY B 203 9.68 -16.83 -9.67
CA GLY B 203 9.98 -15.66 -10.45
C GLY B 203 8.73 -14.78 -10.54
N GLY B 204 8.54 -14.22 -11.74
CA GLY B 204 7.42 -13.34 -12.07
C GLY B 204 7.84 -11.94 -12.46
N PHE B 205 6.96 -10.98 -12.16
CA PHE B 205 7.21 -9.59 -12.57
C PHE B 205 8.02 -8.86 -11.52
N ALA B 206 9.24 -8.49 -11.87
CA ALA B 206 10.08 -7.73 -10.96
C ALA B 206 9.83 -6.26 -11.31
N VAL B 207 9.67 -5.43 -10.30
CA VAL B 207 9.42 -4.00 -10.49
C VAL B 207 10.76 -3.27 -10.42
N VAL B 208 11.26 -2.78 -11.56
CA VAL B 208 12.59 -2.19 -11.67
C VAL B 208 12.46 -0.67 -11.82
N LYS B 209 13.15 0.07 -10.96
CA LYS B 209 13.14 1.54 -11.06
C LYS B 209 13.80 2.00 -12.34
N GLU C 21 -16.64 11.79 34.52
CA GLU C 21 -16.61 11.06 33.26
C GLU C 21 -15.36 11.44 32.47
N ILE C 22 -14.63 10.41 32.00
CA ILE C 22 -13.38 10.55 31.24
C ILE C 22 -13.58 9.95 29.89
N THR C 23 -13.38 10.71 28.82
CA THR C 23 -13.45 10.23 27.46
C THR C 23 -12.05 9.99 26.95
N ILE C 24 -11.79 8.84 26.33
CA ILE C 24 -10.49 8.55 25.75
C ILE C 24 -10.64 8.18 24.27
N PHE C 25 -10.12 9.01 23.38
CA PHE C 25 -10.05 8.70 21.97
C PHE C 25 -8.78 7.90 21.80
N GLY C 26 -8.91 6.65 21.39
CA GLY C 26 -7.77 5.76 21.19
C GLY C 26 -7.73 4.62 22.16
N LYS C 27 -7.64 3.40 21.63
CA LYS C 27 -7.70 2.17 22.44
C LYS C 27 -6.37 1.41 22.38
N GLY C 28 -5.27 2.10 22.09
CA GLY C 28 -3.94 1.54 22.11
C GLY C 28 -3.42 1.35 23.51
N ASN C 29 -2.14 1.02 23.61
CA ASN C 29 -1.53 0.72 24.89
C ASN C 29 -1.57 1.90 25.84
N GLY C 31 -3.75 4.55 25.75
CA GLY C 31 -5.14 4.80 26.07
C GLY C 31 -5.59 3.83 27.13
N GLN C 32 -5.22 2.57 26.93
CA GLN C 32 -5.58 1.52 27.89
C GLN C 32 -5.00 1.77 29.29
N ALA C 33 -3.70 2.05 29.36
CA ALA C 33 -3.00 2.26 30.63
C ALA C 33 -3.50 3.52 31.35
N ILE C 34 -3.79 4.58 30.58
CA ILE C 34 -4.29 5.82 31.17
C ILE C 34 -5.70 5.55 31.73
N GLY C 35 -6.55 4.94 30.92
CA GLY C 35 -7.90 4.59 31.38
C GLY C 35 -7.93 3.73 32.62
N HIS C 36 -7.03 2.76 32.68
CA HIS C 36 -6.85 1.90 33.87
C HIS C 36 -6.74 2.73 35.15
N ASN C 37 -5.92 3.78 35.10
CA ASN C 37 -5.70 4.62 36.25
C ASN C 37 -6.94 5.40 36.65
N PHE C 38 -7.66 5.95 35.68
CA PHE C 38 -8.89 6.62 36.01
C PHE C 38 -9.96 5.64 36.58
N GLU C 39 -9.98 4.43 36.04
CA GLU C 39 -10.90 3.40 36.50
C GLU C 39 -10.60 2.87 37.91
N ILE C 40 -9.31 2.65 38.24
CA ILE C 40 -8.96 2.23 39.62
C ILE C 40 -9.00 3.43 40.61
N ALA C 41 -9.29 4.64 40.11
CA ALA C 41 -9.58 5.82 40.90
C ALA C 41 -11.09 5.99 41.10
N GLY C 42 -11.87 5.13 40.45
CA GLY C 42 -13.31 5.10 40.64
C GLY C 42 -14.12 5.81 39.59
N HIS C 43 -13.50 6.22 38.49
CA HIS C 43 -14.20 6.95 37.46
C HIS C 43 -14.67 6.08 36.28
N GLU C 44 -15.66 6.57 35.55
CA GLU C 44 -16.14 5.92 34.34
C GLU C 44 -15.34 6.44 33.15
N VAL C 45 -14.69 5.53 32.42
CA VAL C 45 -13.96 5.82 31.23
C VAL C 45 -14.75 5.32 30.03
N THR C 46 -14.83 6.14 28.99
CA THR C 46 -15.43 5.78 27.73
C THR C 46 -14.42 5.86 26.63
N TYR C 47 -14.14 4.72 25.97
CA TYR C 47 -13.25 4.67 24.81
C TYR C 47 -14.02 4.87 23.50
N TYR C 48 -13.43 5.63 22.62
CA TYR C 48 -13.91 5.77 21.23
C TYR C 48 -12.77 5.44 20.26
N GLY C 49 -13.09 4.55 19.31
CA GLY C 49 -12.20 4.21 18.19
C GLY C 49 -12.42 5.25 17.09
N SER C 50 -11.57 5.18 16.07
CA SER C 50 -11.56 6.20 15.02
C SER C 50 -12.85 6.35 14.23
N LYS C 51 -13.62 5.27 14.13
CA LYS C 51 -14.92 5.27 13.43
C LYS C 51 -16.14 5.25 14.31
N ASP C 52 -15.95 5.47 15.60
CA ASP C 52 -17.04 5.61 16.52
C ASP C 52 -17.44 7.09 16.51
N GLN C 53 -18.75 7.37 16.55
CA GLN C 53 -19.23 8.76 16.65
C GLN C 53 -19.45 9.02 18.13
N ALA C 54 -18.79 10.01 18.71
CA ALA C 54 -18.90 10.29 20.10
C ALA C 54 -20.24 10.94 20.35
N THR C 55 -20.90 10.56 21.44
CA THR C 55 -22.17 11.11 21.80
C THR C 55 -21.93 12.37 22.62
N THR C 56 -21.59 12.21 23.89
CA THR C 56 -21.36 13.34 24.76
C THR C 56 -19.98 13.12 25.34
N LEU C 57 -19.16 14.16 25.33
CA LEU C 57 -17.79 14.05 25.84
C LEU C 57 -17.76 14.35 27.33
N GLY C 58 -16.88 13.66 28.05
CA GLY C 58 -16.66 13.85 29.47
C GLY C 58 -15.96 15.17 29.77
N GLU C 59 -15.81 15.47 31.05
CA GLU C 59 -15.15 16.69 31.49
C GLU C 59 -13.65 16.70 31.16
N ILE C 60 -13.04 15.52 31.10
CA ILE C 60 -11.65 15.33 30.74
C ILE C 60 -11.67 14.42 29.54
N VAL C 61 -10.96 14.84 28.50
CA VAL C 61 -10.89 14.14 27.24
C VAL C 61 -9.43 13.88 26.95
N ILE C 62 -9.08 12.61 26.77
CA ILE C 62 -7.70 12.19 26.56
C ILE C 62 -7.57 11.90 25.07
N ALA C 64 -5.67 10.16 22.89
CA ALA C 64 -4.69 9.11 22.84
C ALA C 64 -4.54 8.48 21.43
N VAL C 65 -4.39 9.37 20.43
CA VAL C 65 -4.25 9.03 19.01
C VAL C 65 -2.86 9.44 18.51
N PRO C 66 -2.43 8.89 17.38
CA PRO C 66 -1.11 9.36 16.88
C PRO C 66 -1.13 10.84 16.52
N TYR C 67 0.04 11.47 16.60
CA TYR C 67 0.15 12.89 16.30
C TYR C 67 -0.55 13.25 14.98
N PRO C 68 -0.31 12.48 13.87
CA PRO C 68 -0.93 12.88 12.60
C PRO C 68 -2.44 12.90 12.57
N ALA C 69 -3.08 12.19 13.50
CA ALA C 69 -4.55 12.16 13.61
C ALA C 69 -5.08 13.21 14.57
N LEU C 70 -4.21 13.92 15.29
CA LEU C 70 -4.65 14.82 16.38
C LEU C 70 -5.45 16.05 15.90
N ALA C 71 -4.94 16.75 14.89
CA ALA C 71 -5.64 17.90 14.34
C ALA C 71 -6.99 17.52 13.75
N ALA C 72 -7.07 16.38 13.06
CA ALA C 72 -8.34 15.98 12.47
C ALA C 72 -9.42 15.69 13.55
N LEU C 73 -8.97 15.10 14.64
CA LEU C 73 -9.86 14.75 15.73
C LEU C 73 -10.38 15.99 16.41
N ALA C 74 -9.48 16.96 16.70
CA ALA C 74 -9.85 18.27 17.24
C ALA C 74 -10.86 18.99 16.36
N LYS C 75 -10.68 18.91 15.03
CA LYS C 75 -11.60 19.50 14.05
C LYS C 75 -12.98 18.79 14.09
N GLN C 76 -12.92 17.47 14.07
CA GLN C 76 -14.11 16.65 14.10
C GLN C 76 -15.01 17.01 15.28
N TYR C 77 -14.42 17.21 16.45
CA TYR C 77 -15.15 17.51 17.67
C TYR C 77 -14.93 18.92 18.21
N ALA C 78 -14.70 19.87 17.29
CA ALA C 78 -14.35 21.25 17.67
C ALA C 78 -15.35 21.82 18.62
N THR C 79 -16.64 21.64 18.31
CA THR C 79 -17.67 22.26 19.16
C THR C 79 -17.83 21.61 20.52
N GLN C 80 -17.86 20.29 20.52
CA GLN C 80 -18.01 19.47 21.73
C GLN C 80 -16.82 19.61 22.66
N LEU C 81 -15.64 19.93 22.11
CA LEU C 81 -14.45 20.11 22.95
C LEU C 81 -14.38 21.46 23.68
N LYS C 82 -15.23 22.41 23.31
CA LYS C 82 -15.25 23.68 23.98
C LYS C 82 -15.63 23.48 25.43
N GLY C 83 -14.88 24.13 26.30
CA GLY C 83 -15.06 24.05 27.73
C GLY C 83 -14.62 22.76 28.41
N LYS C 84 -13.93 21.87 27.68
CA LYS C 84 -13.41 20.63 28.22
CA LYS C 84 -13.41 20.65 28.28
C LYS C 84 -11.92 20.77 28.54
N ILE C 85 -11.46 19.88 29.42
CA ILE C 85 -10.04 19.69 29.68
C ILE C 85 -9.64 18.69 28.60
N VAL C 86 -8.67 19.05 27.78
CA VAL C 86 -8.25 18.25 26.62
C VAL C 86 -6.79 17.89 26.77
N VAL C 87 -6.48 16.59 26.90
CA VAL C 87 -5.15 16.17 27.23
C VAL C 87 -4.43 15.57 26.04
N ASP C 88 -3.26 16.14 25.72
CA ASP C 88 -2.44 15.69 24.63
C ASP C 88 -1.32 14.85 25.24
N ILE C 89 -1.21 13.60 24.81
CA ILE C 89 -0.20 12.68 25.37
C ILE C 89 0.92 12.34 24.36
N THR C 90 0.92 12.99 23.19
CA THR C 90 1.80 12.57 22.12
C THR C 90 3.27 12.79 22.37
N ASN C 91 4.07 11.96 21.71
CA ASN C 91 5.51 12.18 21.56
C ASN C 91 5.63 12.27 20.03
N PRO C 92 5.55 13.46 19.48
CA PRO C 92 5.45 13.66 18.00
C PRO C 92 6.77 13.47 17.26
N LEU C 93 7.34 12.28 17.36
CA LEU C 93 8.57 11.99 16.65
C LEU C 93 8.34 11.84 15.16
N ASN C 94 9.41 12.06 14.41
CA ASN C 94 9.53 11.59 13.04
C ASN C 94 9.83 10.09 13.24
N PHE C 95 8.85 9.23 13.02
CA PHE C 95 9.07 7.78 13.22
C PHE C 95 9.79 7.08 12.05
N ASP C 96 10.07 7.80 11.00
CA ASP C 96 10.92 7.26 9.94
C ASP C 96 12.39 7.32 10.38
N THR C 97 12.79 8.37 11.08
CA THR C 97 14.19 8.56 11.44
C THR C 97 14.51 8.38 12.92
N TRP C 98 13.52 8.54 13.79
CA TRP C 98 13.74 8.55 15.27
C TRP C 98 14.75 9.64 15.66
N ASP C 99 14.86 10.68 14.84
CA ASP C 99 15.93 11.68 14.99
C ASP C 99 15.46 13.13 15.09
N ASP C 100 14.15 13.34 15.12
CA ASP C 100 13.54 14.69 15.20
C ASP C 100 12.11 14.56 15.63
N LEU C 101 11.56 15.69 16.08
CA LEU C 101 10.16 15.83 16.24
C LEU C 101 9.58 16.47 14.97
N VAL C 102 8.28 16.27 14.77
CA VAL C 102 7.55 16.81 13.60
C VAL C 102 6.69 18.05 13.93
N VAL C 103 7.00 18.71 15.05
CA VAL C 103 6.42 19.97 15.41
C VAL C 103 7.57 20.98 15.50
N PRO C 104 7.27 22.29 15.42
CA PRO C 104 8.37 23.27 15.45
C PRO C 104 9.18 23.25 16.69
N ALA C 105 10.48 23.51 16.52
CA ALA C 105 11.43 23.47 17.64
C ALA C 105 11.14 24.40 18.79
N ASP C 106 10.43 25.51 18.53
CA ASP C 106 10.01 26.44 19.54
C ASP C 106 8.60 26.22 20.04
N SER C 107 8.05 25.03 19.82
CA SER C 107 6.63 24.79 20.14
C SER C 107 6.45 23.34 20.56
N SER C 108 5.21 22.87 20.44
CA SER C 108 4.81 21.54 20.82
C SER C 108 3.50 21.16 20.18
N ALA C 109 3.21 19.86 20.10
CA ALA C 109 1.89 19.39 19.63
C ALA C 109 0.81 19.99 20.52
N ALA C 110 1.06 20.09 21.83
CA ALA C 110 0.03 20.61 22.74
C ALA C 110 -0.28 22.09 22.48
N GLN C 111 0.73 22.91 22.20
CA GLN C 111 0.49 24.32 21.86
CA GLN C 111 0.52 24.32 21.87
C GLN C 111 -0.27 24.42 20.56
N GLU C 112 0.09 23.59 19.57
CA GLU C 112 -0.68 23.56 18.31
C GLU C 112 -2.17 23.26 18.61
N LEU C 113 -2.39 22.30 19.50
CA LEU C 113 -3.74 21.89 19.88
C LEU C 113 -4.48 23.04 20.58
N GLN C 114 -3.79 23.75 21.46
CA GLN C 114 -4.40 24.86 22.22
C GLN C 114 -4.77 26.00 21.28
N GLN C 115 -3.98 26.20 20.22
CA GLN C 115 -4.30 27.22 19.20
C GLN C 115 -5.54 26.77 18.43
N GLN C 116 -5.63 25.49 18.10
CA GLN C 116 -6.76 24.96 17.37
C GLN C 116 -8.05 24.96 18.21
N LEU C 117 -7.92 24.78 19.53
CA LEU C 117 -9.04 24.69 20.49
C LEU C 117 -8.93 25.80 21.52
N PRO C 118 -9.16 27.06 21.10
CA PRO C 118 -8.95 28.16 22.01
C PRO C 118 -9.91 28.25 23.19
N ASP C 119 -11.04 27.56 23.13
CA ASP C 119 -12.01 27.54 24.24
C ASP C 119 -11.92 26.29 25.12
N SER C 120 -10.86 25.49 24.94
CA SER C 120 -10.59 24.30 25.70
C SER C 120 -9.37 24.54 26.57
N GLN C 121 -9.27 23.82 27.67
CA GLN C 121 -8.11 23.86 28.58
C GLN C 121 -7.22 22.69 28.16
N VAL C 122 -6.22 22.98 27.32
CA VAL C 122 -5.32 21.93 26.82
C VAL C 122 -4.21 21.65 27.83
N LEU C 123 -4.03 20.37 28.15
CA LEU C 123 -2.95 19.95 29.02
C LEU C 123 -2.02 19.00 28.25
N LYS C 124 -0.75 19.03 28.62
CA LYS C 124 0.23 18.01 28.19
C LYS C 124 0.45 17.10 29.35
N ALA C 125 0.21 15.80 29.17
CA ALA C 125 0.41 14.83 30.29
C ALA C 125 0.60 13.45 29.71
N PHE C 126 1.24 12.61 30.51
CA PHE C 126 1.52 11.21 30.19
C PHE C 126 2.55 10.88 29.14
N ASN C 127 3.03 11.89 28.41
CA ASN C 127 4.02 11.59 27.34
C ASN C 127 5.39 11.19 27.89
N THR C 128 5.71 11.53 29.11
CA THR C 128 6.95 11.15 29.78
C THR C 128 6.85 9.84 30.60
N THR C 129 5.70 9.18 30.57
CA THR C 129 5.50 7.93 31.33
C THR C 129 5.22 6.80 30.33
N PHE C 130 6.11 5.80 30.27
CA PHE C 130 5.88 4.65 29.40
C PHE C 130 4.63 3.90 29.88
N ALA C 131 3.93 3.29 28.94
CA ALA C 131 2.65 2.55 29.21
C ALA C 131 2.78 1.56 30.35
N ALA C 132 3.89 0.82 30.39
CA ALA C 132 4.06 -0.19 31.43
C ALA C 132 4.15 0.43 32.83
N THR C 133 4.68 1.66 32.91
CA THR C 133 4.82 2.36 34.17
C THR C 133 3.46 2.87 34.65
N LEU C 134 2.58 3.22 33.71
CA LEU C 134 1.21 3.59 34.02
C LEU C 134 0.42 2.38 34.41
N GLN C 135 0.61 1.25 33.74
CA GLN C 135 -0.17 0.05 34.08
C GLN C 135 0.16 -0.46 35.49
N SER C 136 1.45 -0.50 35.80
CA SER C 136 1.94 -0.99 37.10
C SER C 136 1.92 0.02 38.22
N GLY C 137 2.08 1.28 37.88
CA GLY C 137 2.19 2.36 38.84
C GLY C 137 3.60 2.68 39.27
N GLN C 138 4.58 1.88 38.81
CA GLN C 138 5.97 2.10 39.13
C GLN C 138 6.87 2.08 37.91
N VAL C 139 8.01 2.75 38.10
CA VAL C 139 9.08 2.78 37.11
C VAL C 139 9.94 1.54 37.43
N ASN C 140 9.77 0.50 36.59
CA ASN C 140 10.33 -0.86 36.73
C ASN C 140 10.48 -1.31 38.19
N GLY C 141 9.35 -1.24 38.88
CA GLY C 141 9.21 -1.64 40.28
C GLY C 141 10.06 -0.97 41.33
N LYS C 142 10.68 0.16 40.99
CA LYS C 142 11.62 0.83 41.86
C LYS C 142 11.17 2.16 42.46
N GLU C 143 10.37 2.93 41.72
CA GLU C 143 9.92 4.25 42.15
C GLU C 143 8.50 4.46 41.63
N PRO C 144 7.69 5.23 42.36
CA PRO C 144 6.35 5.56 41.87
C PRO C 144 6.40 6.33 40.53
N THR C 145 5.51 5.96 39.63
CA THR C 145 5.33 6.65 38.34
C THR C 145 4.77 8.06 38.60
N THR C 146 5.32 9.04 37.88
CA THR C 146 4.94 10.44 38.05
C THR C 146 4.52 11.05 36.74
N VAL C 147 3.29 11.53 36.73
CA VAL C 147 2.74 12.29 35.58
C VAL C 147 3.17 13.76 35.75
N LEU C 148 3.80 14.33 34.72
CA LEU C 148 4.18 15.72 34.66
C LEU C 148 3.15 16.41 33.77
N VAL C 149 2.38 17.32 34.33
CA VAL C 149 1.29 17.96 33.60
C VAL C 149 1.57 19.45 33.41
N ALA C 150 1.54 19.87 32.14
CA ALA C 150 1.70 21.28 31.76
C ALA C 150 0.37 21.78 31.23
N GLY C 151 0.09 23.04 31.48
CA GLY C 151 -1.12 23.66 30.99
C GLY C 151 -1.22 25.05 31.53
N ASN C 152 -1.94 25.92 30.82
CA ASN C 152 -2.07 27.32 31.26
C ASN C 152 -2.97 27.57 32.48
N ASP C 153 -4.01 26.78 32.64
CA ASP C 153 -5.01 26.93 33.69
CA ASP C 153 -4.96 26.99 33.73
C ASP C 153 -4.70 26.04 34.90
N ASP C 154 -4.34 26.65 36.01
CA ASP C 154 -4.01 25.91 37.21
C ASP C 154 -5.22 25.17 37.74
N SER C 155 -6.39 25.77 37.65
CA SER C 155 -7.62 25.06 38.09
C SER C 155 -7.89 23.78 37.29
N ALA C 156 -7.64 23.84 35.99
CA ALA C 156 -7.80 22.69 35.10
C ALA C 156 -6.78 21.61 35.46
N LYS C 157 -5.54 22.04 35.70
CA LYS C 157 -4.52 21.07 36.17
C LYS C 157 -4.90 20.42 37.47
N GLN C 158 -5.47 21.19 38.39
CA GLN C 158 -5.89 20.67 39.67
CA GLN C 158 -5.88 20.65 39.68
C GLN C 158 -7.05 19.66 39.55
N ARG C 159 -7.99 19.93 38.66
CA ARG C 159 -9.10 19.05 38.38
C ARG C 159 -8.58 17.72 37.80
N PHE C 160 -7.69 17.84 36.83
CA PHE C 160 -7.03 16.63 36.28
C PHE C 160 -6.32 15.80 37.36
N THR C 161 -5.53 16.48 38.19
CA THR C 161 -4.77 15.89 39.27
C THR C 161 -5.73 15.19 40.28
N ARG C 162 -6.83 15.85 40.62
CA ARG C 162 -7.81 15.26 41.53
C ARG C 162 -8.46 14.01 41.02
N ALA C 163 -8.73 13.97 39.72
CA ALA C 163 -9.30 12.83 39.05
C ALA C 163 -8.39 11.60 39.19
N LEU C 164 -7.08 11.81 39.35
CA LEU C 164 -6.12 10.71 39.56
C LEU C 164 -5.74 10.46 41.03
N ALA C 165 -6.35 11.19 41.99
CA ALA C 165 -5.96 11.08 43.37
C ALA C 165 -5.98 9.67 43.96
N ASP C 166 -6.98 8.88 43.61
CA ASP C 166 -7.14 7.50 44.13
C ASP C 166 -6.40 6.45 43.32
N SER C 167 -5.69 6.86 42.29
CA SER C 167 -4.78 5.99 41.53
C SER C 167 -3.43 6.03 42.23
N PRO C 168 -2.56 5.10 41.91
CA PRO C 168 -1.23 5.12 42.50
C PRO C 168 -0.20 6.12 41.89
N LEU C 169 -0.62 6.89 40.90
CA LEU C 169 0.31 7.79 40.25
C LEU C 169 0.55 9.06 41.03
N GLU C 170 1.79 9.50 41.09
CA GLU C 170 2.14 10.84 41.55
C GLU C 170 1.89 11.79 40.37
N VAL C 171 1.52 13.04 40.67
CA VAL C 171 1.26 14.08 39.67
C VAL C 171 1.96 15.35 40.12
N LYS C 172 2.74 15.98 39.22
CA LYS C 172 3.48 17.21 39.50
CA LYS C 172 3.42 17.24 39.50
C LYS C 172 3.13 18.23 38.40
N ASP C 173 3.08 19.49 38.78
CA ASP C 173 2.80 20.62 37.87
C ASP C 173 4.07 20.97 37.16
N ALA C 174 4.08 20.65 35.88
CA ALA C 174 5.22 20.93 34.99
C ALA C 174 5.28 22.40 34.50
N GLY C 175 4.26 23.20 34.83
CA GLY C 175 4.21 24.58 34.46
C GLY C 175 3.13 24.91 33.46
N LYS C 176 3.25 26.07 32.81
CA LYS C 176 2.30 26.52 31.82
C LYS C 176 2.49 25.74 30.53
N LEU C 177 1.62 25.92 29.55
CA LEU C 177 1.69 25.10 28.34
C LEU C 177 2.97 25.26 27.56
N LYS C 178 3.64 26.40 27.72
CA LYS C 178 4.98 26.65 27.13
C LYS C 178 5.91 25.49 27.48
N ARG C 179 5.77 24.92 28.68
CA ARG C 179 6.60 23.80 29.10
C ARG C 179 6.33 22.46 28.38
N ALA C 180 5.27 22.36 27.58
CA ALA C 180 5.04 21.19 26.81
C ALA C 180 6.21 20.95 25.86
N ARG C 181 6.89 22.02 25.41
CA ARG C 181 8.12 21.83 24.61
C ARG C 181 9.17 20.99 25.34
N GLU C 182 9.43 21.29 26.62
CA GLU C 182 10.44 20.54 27.38
C GLU C 182 9.92 19.14 27.70
N LEU C 183 8.61 18.97 27.96
CA LEU C 183 8.06 17.63 28.17
C LEU C 183 8.23 16.76 26.92
N GLU C 184 8.00 17.33 25.74
CA GLU C 184 8.17 16.57 24.50
C GLU C 184 9.64 16.22 24.32
N ALA C 185 10.54 17.15 24.66
CA ALA C 185 11.98 16.86 24.55
C ALA C 185 12.36 15.71 25.46
N GLY C 187 10.31 13.35 26.64
CA GLY C 187 9.70 12.10 26.15
C GLY C 187 10.45 11.50 24.97
N PHE C 188 10.95 12.37 24.13
CA PHE C 188 11.76 12.01 22.97
C PHE C 188 13.05 11.36 23.46
N GLN C 190 13.66 9.96 26.36
CA GLN C 190 13.33 8.70 27.05
C GLN C 190 13.15 7.56 26.03
N THR C 192 14.30 7.45 22.87
CA THR C 192 15.58 7.12 22.19
C THR C 192 16.48 6.30 23.08
N LEU C 193 16.48 6.56 24.39
CA LEU C 193 17.28 5.72 25.32
C LEU C 193 16.79 4.29 25.39
N ALA C 194 15.47 4.12 25.36
CA ALA C 194 14.85 2.75 25.34
C ALA C 194 15.11 2.08 23.98
N ALA C 195 15.00 2.83 22.91
CA ALA C 195 15.19 2.29 21.54
C ALA C 195 16.64 1.81 21.30
N SER C 196 17.61 2.47 21.96
CA SER C 196 19.01 2.09 21.91
C SER C 196 19.42 1.17 23.06
N GLU C 197 18.46 0.66 23.83
CA GLU C 197 18.64 -0.32 24.89
C GLU C 197 19.50 0.15 26.07
N GLN C 198 19.53 1.45 26.29
CA GLN C 198 20.24 2.14 27.41
CA GLN C 198 20.29 1.90 27.46
C GLN C 198 19.42 1.88 28.70
N ILE C 199 18.10 1.83 28.49
CA ILE C 199 17.10 1.53 29.46
C ILE C 199 16.06 0.62 28.77
N GLY C 200 15.20 0.02 29.57
CA GLY C 200 14.12 -0.77 29.08
C GLY C 200 12.83 0.02 29.03
N TRP C 201 11.89 -0.55 28.32
CA TRP C 201 10.57 0.05 28.09
C TRP C 201 9.62 -0.06 29.31
N THR C 202 10.05 -0.68 30.40
CA THR C 202 9.25 -0.65 31.64
C THR C 202 9.92 0.26 32.67
N GLY C 203 11.03 0.91 32.28
CA GLY C 203 11.73 1.83 33.13
C GLY C 203 11.51 3.26 32.64
N GLY C 204 12.58 4.03 32.66
CA GLY C 204 12.52 5.45 32.26
C GLY C 204 12.99 6.41 33.34
N PHE C 205 12.52 7.63 33.23
CA PHE C 205 12.86 8.66 34.20
C PHE C 205 11.90 8.67 35.41
N ALA C 206 12.41 8.28 36.55
CA ALA C 206 11.66 8.40 37.77
C ALA C 206 11.88 9.79 38.34
N VAL C 207 10.81 10.40 38.82
CA VAL C 207 10.84 11.73 39.39
C VAL C 207 10.96 11.56 40.91
N VAL C 208 12.16 11.84 41.43
CA VAL C 208 12.51 11.66 42.83
C VAL C 208 12.57 13.01 43.55
N LYS C 209 11.82 13.11 44.65
CA LYS C 209 11.83 14.33 45.45
C LYS C 209 13.18 14.50 46.13
#